data_6EK6
#
_entry.id   6EK6
#
_cell.length_a   141.410
_cell.length_b   141.410
_cell.length_c   150.950
_cell.angle_alpha   90.000
_cell.angle_beta   90.000
_cell.angle_gamma   120.000
#
_symmetry.space_group_name_H-M   'P 65 2 2'
#
loop_
_entity.id
_entity.type
_entity.pdbx_description
1 polymer 'Lysine-specific demethylase 5B,Lysine-specific demethylase 5B'
2 non-polymer 'ZINC ION'
3 non-polymer 'MANGANESE (II) ION'
4 non-polymer 'NICKEL (II) ION'
5 non-polymer N-{(3R)-1-[3-(propan-2-yl)-1H-pyrazole-5-carbonyl]pyrrolidin-3-yl}cyclopropanecarboxamide
6 non-polymer 'DIMETHYL SULFOXIDE'
7 non-polymer 1,2-ETHANEDIOL
8 water water
#
_entity_poly.entity_id   1
_entity_poly.type   'polypeptide(L)'
_entity_poly.pdbx_seq_one_letter_code
;MFLPPPECPVFEPSWEEFADPFAFIHKIRPIAEQTGICKVRPPPDWQPPFACDVDKLHFTPRIQRLNELEAQTRVRDYTL
RTFGEMADAFKSDYFNMPVHMVPTELVEKEFWRLVSTIEEDVTVEYGADIASKEFGSGFPVRDGKIKLSPEEEEYLDSGW
NLNNMPVMEQSVLAHITADICGMKLPWLYVGMCFSSFCWHIEDHWSYSINYLHWGEPKTWYGVPGYAAEQLENVMKKLAP
ELFVSQPDLLHQLVTIMNPNTLMTHEVPVYRTNQCAGEFVITFPRAYHSGFNQGFNFAEAVNFCTVDWLPLGRQCVEHYR
LLHRYCVFSHDEMICKMASKADVLDVVVASTVQKDMAIMIEDEKALRETVRKLGVIDSERMDFELLPDDERQCVKCKTTC
FMSAISCSCKPGLLVCLHHVKELCSCPPYKYKLRYRYTLDDLYPMMNALKLRAES
;
_entity_poly.pdbx_strand_id   A
#
# COMPACT_ATOMS: atom_id res chain seq x y z
N MET A 1 11.74 22.89 19.49
CA MET A 1 12.15 23.40 18.17
C MET A 1 11.83 22.40 17.05
N PHE A 2 10.85 22.75 16.22
CA PHE A 2 10.50 21.96 15.05
C PHE A 2 10.70 22.83 13.82
N LEU A 3 11.48 22.32 12.87
CA LEU A 3 11.62 23.00 11.59
C LEU A 3 10.81 22.27 10.55
N PRO A 4 9.71 22.85 10.06
CA PRO A 4 8.86 22.15 9.08
C PRO A 4 9.63 21.84 7.82
N PRO A 5 9.50 20.61 7.30
CA PRO A 5 10.11 20.28 6.00
C PRO A 5 9.56 21.17 4.90
N PRO A 6 10.27 21.27 3.77
CA PRO A 6 9.72 21.99 2.61
C PRO A 6 8.42 21.35 2.12
N GLU A 7 7.61 22.16 1.45
CA GLU A 7 6.33 21.69 0.91
C GLU A 7 6.54 20.74 -0.27
N CYS A 8 5.69 19.72 -0.36
CA CYS A 8 5.69 18.82 -1.52
C CYS A 8 5.00 19.51 -2.69
N PRO A 9 5.13 18.96 -3.90
CA PRO A 9 4.42 19.55 -5.06
C PRO A 9 2.92 19.51 -4.89
N VAL A 10 2.25 20.52 -5.44
CA VAL A 10 0.80 20.61 -5.51
C VAL A 10 0.42 20.78 -6.97
N PHE A 11 -0.51 19.95 -7.44
CA PHE A 11 -0.96 19.98 -8.83
C PHE A 11 -2.42 20.41 -8.86
N GLU A 12 -2.77 21.25 -9.85
CA GLU A 12 -4.14 21.70 -10.08
C GLU A 12 -4.49 21.38 -11.53
N PRO A 13 -4.79 20.13 -11.84
CA PRO A 13 -5.07 19.77 -13.24
C PRO A 13 -6.35 20.41 -13.77
N SER A 14 -6.32 20.78 -15.06
CA SER A 14 -7.54 21.13 -15.75
C SER A 14 -8.44 19.91 -15.84
N TRP A 15 -9.71 20.13 -16.23
CA TRP A 15 -10.59 18.98 -16.31
C TRP A 15 -10.12 17.98 -17.37
N GLU A 16 -9.49 18.47 -18.45
CA GLU A 16 -8.97 17.55 -19.47
C GLU A 16 -7.87 16.66 -18.87
N GLU A 17 -6.92 17.27 -18.13
CA GLU A 17 -5.85 16.52 -17.51
C GLU A 17 -6.35 15.62 -16.40
N PHE A 18 -7.38 16.06 -15.66
CA PHE A 18 -7.88 15.31 -14.51
C PHE A 18 -8.68 14.09 -14.93
N ALA A 19 -9.36 14.18 -16.08
CA ALA A 19 -10.29 13.14 -16.53
C ALA A 19 -9.69 11.74 -16.51
N ASP A 20 -8.43 11.57 -16.91
CA ASP A 20 -7.81 10.26 -16.88
C ASP A 20 -6.76 10.20 -15.79
N PRO A 21 -7.03 9.52 -14.68
CA PRO A 21 -6.06 9.54 -13.56
C PRO A 21 -4.74 8.87 -13.91
N PHE A 22 -4.79 7.80 -14.72
CA PHE A 22 -3.56 7.10 -15.07
C PHE A 22 -2.64 7.96 -15.91
N ALA A 23 -3.20 8.69 -16.89
CA ALA A 23 -2.39 9.59 -17.69
C ALA A 23 -1.83 10.73 -16.85
N PHE A 24 -2.64 11.26 -15.94
CA PHE A 24 -2.20 12.37 -15.10
C PHE A 24 -1.06 11.93 -14.18
N ILE A 25 -1.20 10.78 -13.52
CA ILE A 25 -0.18 10.32 -12.59
C ILE A 25 1.13 10.01 -13.33
N HIS A 26 1.02 9.46 -14.54
CA HIS A 26 2.20 9.23 -15.37
C HIS A 26 2.90 10.55 -15.72
N LYS A 27 2.10 11.57 -16.08
CA LYS A 27 2.66 12.88 -16.41
C LYS A 27 3.45 13.48 -15.24
N ILE A 28 2.89 13.45 -14.03
CA ILE A 28 3.52 14.11 -12.88
C ILE A 28 4.67 13.30 -12.29
N ARG A 29 4.82 12.04 -12.68
CA ARG A 29 5.82 11.18 -12.06
C ARG A 29 7.23 11.75 -12.02
N PRO A 30 7.78 12.37 -13.07
CA PRO A 30 9.14 12.92 -12.97
C PRO A 30 9.31 13.90 -11.81
N ILE A 31 8.29 14.70 -11.51
CA ILE A 31 8.38 15.63 -10.38
C ILE A 31 8.09 14.92 -9.08
N ALA A 32 6.95 14.23 -8.99
CA ALA A 32 6.46 13.74 -7.71
C ALA A 32 7.31 12.59 -7.18
N GLU A 33 7.90 11.78 -8.05
CA GLU A 33 8.70 10.69 -7.54
C GLU A 33 9.98 11.16 -6.87
N GLN A 34 10.39 12.42 -7.08
CA GLN A 34 11.50 13.01 -6.34
C GLN A 34 11.10 13.43 -4.94
N THR A 35 9.81 13.55 -4.66
CA THR A 35 9.34 13.95 -3.34
C THR A 35 8.59 12.86 -2.60
N GLY A 36 8.23 11.78 -3.27
CA GLY A 36 7.51 10.68 -2.62
C GLY A 36 6.01 10.86 -2.49
N ILE A 37 5.56 12.03 -2.00
CA ILE A 37 4.15 12.37 -1.97
C ILE A 37 3.94 13.64 -2.81
N CYS A 38 2.70 13.80 -3.26
CA CYS A 38 2.26 15.05 -3.86
C CYS A 38 0.78 15.23 -3.55
N LYS A 39 0.31 16.46 -3.70
CA LYS A 39 -1.09 16.78 -3.47
C LYS A 39 -1.74 17.18 -4.80
N VAL A 40 -2.96 16.73 -5.02
CA VAL A 40 -3.72 17.04 -6.24
C VAL A 40 -5.00 17.75 -5.83
N ARG A 41 -5.21 18.95 -6.37
N ARG A 41 -5.21 18.95 -6.38
CA ARG A 41 -6.45 19.68 -6.17
CA ARG A 41 -6.45 19.68 -6.15
C ARG A 41 -7.34 19.45 -7.37
C ARG A 41 -7.36 19.48 -7.35
N PRO A 42 -8.49 18.79 -7.21
CA PRO A 42 -9.36 18.53 -8.37
C PRO A 42 -9.91 19.83 -8.94
N PRO A 43 -10.33 19.83 -10.20
CA PRO A 43 -10.97 21.01 -10.78
C PRO A 43 -12.12 21.49 -9.91
N PRO A 44 -12.43 22.78 -9.96
CA PRO A 44 -13.26 23.38 -8.90
C PRO A 44 -14.67 22.80 -8.78
N ASP A 45 -15.29 22.39 -9.89
CA ASP A 45 -16.63 21.85 -9.84
C ASP A 45 -16.70 20.35 -9.59
N TRP A 46 -15.57 19.64 -9.63
CA TRP A 46 -15.54 18.24 -9.21
C TRP A 46 -15.82 18.20 -7.72
N GLN A 47 -17.07 17.89 -7.35
CA GLN A 47 -17.51 17.94 -5.96
C GLN A 47 -18.39 16.72 -5.71
N PRO A 48 -17.78 15.57 -5.46
CA PRO A 48 -18.56 14.36 -5.17
C PRO A 48 -19.41 14.55 -3.94
N PRO A 49 -20.72 14.32 -4.04
CA PRO A 49 -21.58 14.48 -2.86
C PRO A 49 -21.28 13.41 -1.83
N PHE A 50 -21.13 13.83 -0.58
CA PHE A 50 -20.98 12.91 0.54
C PHE A 50 -22.26 12.94 1.36
N ALA A 51 -22.79 11.76 1.67
CA ALA A 51 -23.97 11.69 2.53
C ALA A 51 -23.89 10.40 3.35
N CYS A 52 -24.03 10.56 4.67
CA CYS A 52 -24.11 9.42 5.57
C CYS A 52 -24.87 9.85 6.81
N ASP A 53 -25.37 8.86 7.55
CA ASP A 53 -26.02 9.11 8.82
C ASP A 53 -24.98 8.95 9.93
N VAL A 54 -24.74 10.02 10.68
CA VAL A 54 -23.74 9.98 11.73
C VAL A 54 -24.15 9.11 12.90
N ASP A 55 -25.41 8.67 12.95
CA ASP A 55 -25.90 7.86 14.06
C ASP A 55 -25.98 6.38 13.74
N LYS A 56 -25.99 6.01 12.47
CA LYS A 56 -26.14 4.61 12.08
C LYS A 56 -24.82 3.95 11.69
N LEU A 57 -23.81 4.73 11.36
CA LEU A 57 -22.48 4.18 11.09
C LEU A 57 -21.72 4.12 12.41
N HIS A 58 -21.31 2.91 12.79
CA HIS A 58 -20.55 2.69 14.01
C HIS A 58 -19.24 2.00 13.65
N PHE A 59 -18.23 2.18 14.51
CA PHE A 59 -16.95 1.52 14.31
C PHE A 59 -16.26 1.34 15.66
N THR A 60 -15.30 0.41 15.69
CA THR A 60 -14.52 0.15 16.89
C THR A 60 -13.23 0.96 16.85
N PRO A 61 -12.98 1.83 17.82
CA PRO A 61 -11.79 2.69 17.76
C PRO A 61 -10.51 1.95 18.14
N ARG A 62 -9.40 2.41 17.57
CA ARG A 62 -8.08 2.07 18.05
C ARG A 62 -7.59 3.12 19.02
N ILE A 63 -6.85 2.71 20.04
CA ILE A 63 -6.31 3.63 21.03
C ILE A 63 -4.81 3.75 20.78
N GLN A 64 -4.28 4.95 20.94
CA GLN A 64 -2.94 5.25 20.47
C GLN A 64 -2.23 6.12 21.48
N ARG A 65 -1.09 5.63 21.99
CA ARG A 65 -0.20 6.46 22.80
C ARG A 65 0.73 7.22 21.87
N LEU A 66 1.03 8.46 22.23
CA LEU A 66 1.76 9.34 21.33
C LEU A 66 3.19 9.51 21.86
N ASN A 67 4.03 8.52 21.57
CA ASN A 67 5.42 8.51 21.99
C ASN A 67 6.30 8.18 20.79
N GLU A 68 7.18 9.11 20.46
CA GLU A 68 8.16 8.88 19.40
C GLU A 68 8.96 7.60 19.68
N LEU A 69 9.18 6.82 18.62
CA LEU A 69 10.07 5.66 18.62
C LEU A 69 9.46 4.47 19.35
N GLU A 70 8.29 4.65 19.94
CA GLU A 70 7.60 3.54 20.58
C GLU A 70 6.90 2.68 19.53
N ALA A 71 7.05 1.36 19.66
CA ALA A 71 6.48 0.44 18.68
C ALA A 71 4.96 0.48 18.70
N GLN A 72 4.36 0.43 17.50
CA GLN A 72 2.92 0.31 17.31
C GLN A 72 2.65 -0.74 16.25
N THR A 73 1.53 -1.44 16.38
CA THR A 73 1.18 -2.44 15.38
C THR A 73 0.53 -1.75 14.19
N ARG A 74 0.95 -2.12 12.98
CA ARG A 74 0.53 -1.39 11.80
C ARG A 74 -0.97 -1.49 11.56
N VAL A 75 -1.58 -2.61 11.93
CA VAL A 75 -2.99 -2.85 11.60
C VAL A 75 -3.72 -3.58 12.72
N ARG A 76 -14.63 -1.12 22.84
CA ARG A 76 -15.63 -0.06 22.86
C ARG A 76 -16.23 0.13 21.46
N ASP A 77 -17.02 1.20 21.27
CA ASP A 77 -17.67 1.43 19.98
C ASP A 77 -18.25 2.84 19.88
N TYR A 78 -17.92 3.54 18.80
CA TYR A 78 -18.39 4.90 18.53
C TYR A 78 -19.33 4.91 17.33
N THR A 79 -20.26 5.85 17.32
CA THR A 79 -20.79 6.29 16.03
C THR A 79 -20.00 7.50 15.57
N LEU A 80 -20.18 7.86 14.29
CA LEU A 80 -19.57 9.08 13.80
C LEU A 80 -19.94 10.28 14.66
N ARG A 81 -21.20 10.36 15.11
CA ARG A 81 -21.59 11.49 15.93
C ARG A 81 -20.89 11.48 17.27
N THR A 82 -20.87 10.33 17.96
CA THR A 82 -20.27 10.34 19.30
C THR A 82 -18.74 10.47 19.21
N PHE A 83 -18.14 9.94 18.14
CA PHE A 83 -16.71 10.16 17.93
C PHE A 83 -16.44 11.63 17.69
N GLY A 84 -17.20 12.25 16.79
CA GLY A 84 -17.03 13.67 16.54
C GLY A 84 -17.17 14.53 17.78
N GLU A 85 -18.16 14.22 18.63
CA GLU A 85 -18.31 14.97 19.88
C GLU A 85 -17.12 14.78 20.80
N MET A 86 -16.63 13.54 20.93
CA MET A 86 -15.43 13.31 21.72
C MET A 86 -14.25 14.06 21.14
N ALA A 87 -14.09 14.01 19.80
CA ALA A 87 -12.92 14.60 19.17
C ALA A 87 -12.91 16.12 19.29
N ASP A 88 -14.05 16.75 19.07
CA ASP A 88 -14.11 18.21 19.14
C ASP A 88 -13.87 18.69 20.56
N ALA A 89 -14.50 18.03 21.55
CA ALA A 89 -14.26 18.41 22.93
C ALA A 89 -12.80 18.21 23.31
N PHE A 90 -12.17 17.11 22.85
CA PHE A 90 -10.75 16.89 23.15
C PHE A 90 -9.90 18.05 22.66
N LYS A 91 -10.11 18.47 21.40
CA LYS A 91 -9.25 19.49 20.83
C LYS A 91 -9.51 20.85 21.48
N SER A 92 -10.78 21.21 21.69
CA SER A 92 -11.04 22.53 22.27
C SER A 92 -10.61 22.58 23.72
N ASP A 93 -10.72 21.47 24.46
CA ASP A 93 -10.20 21.44 25.83
C ASP A 93 -8.67 21.48 25.85
N TYR A 94 -8.02 20.87 24.86
CA TYR A 94 -6.56 20.79 24.86
C TYR A 94 -5.93 22.16 24.67
N PHE A 95 -6.51 22.97 23.79
CA PHE A 95 -5.98 24.31 23.53
C PHE A 95 -6.75 25.40 24.24
N ASN A 96 -7.86 25.08 24.91
CA ASN A 96 -8.80 26.07 25.44
C ASN A 96 -9.14 27.13 24.39
N MET A 97 -9.48 26.69 23.19
CA MET A 97 -9.91 27.58 22.12
C MET A 97 -11.00 26.91 21.29
N PRO A 98 -11.74 27.68 20.49
CA PRO A 98 -12.56 27.05 19.44
C PRO A 98 -11.67 26.45 18.38
N VAL A 99 -12.09 25.30 17.85
CA VAL A 99 -11.16 24.43 17.14
C VAL A 99 -10.69 25.00 15.78
N HIS A 100 -11.50 25.87 15.15
CA HIS A 100 -11.13 26.53 13.90
C HIS A 100 -10.16 27.66 14.08
N MET A 101 -9.93 28.07 15.32
CA MET A 101 -8.98 29.11 15.60
C MET A 101 -7.62 28.56 15.96
N VAL A 102 -7.47 27.25 16.02
CA VAL A 102 -6.14 26.70 16.29
C VAL A 102 -5.36 26.63 14.99
N PRO A 103 -4.32 27.44 14.85
CA PRO A 103 -3.51 27.42 13.62
C PRO A 103 -2.90 26.05 13.36
N THR A 104 -2.86 25.66 12.08
CA THR A 104 -2.29 24.36 11.74
C THR A 104 -0.81 24.27 12.10
N GLU A 105 -0.07 25.37 11.93
CA GLU A 105 1.34 25.40 12.33
C GLU A 105 1.50 25.13 13.83
N LEU A 106 0.53 25.57 14.64
CA LEU A 106 0.65 25.36 16.07
C LEU A 106 0.34 23.91 16.45
N VAL A 107 -0.67 23.31 15.85
CA VAL A 107 -0.94 21.89 16.10
C VAL A 107 0.26 21.05 15.73
N GLU A 108 0.92 21.38 14.62
CA GLU A 108 2.09 20.62 14.18
C GLU A 108 3.24 20.75 15.18
N LYS A 109 3.56 21.99 15.58
CA LYS A 109 4.58 22.20 16.61
C LYS A 109 4.24 21.46 17.89
N GLU A 110 2.98 21.53 18.30
CA GLU A 110 2.58 20.89 19.55
C GLU A 110 2.66 19.38 19.43
N PHE A 111 2.29 18.83 18.27
CA PHE A 111 2.38 17.39 18.07
C PHE A 111 3.81 16.91 18.29
N TRP A 112 4.77 17.56 17.64
CA TRP A 112 6.16 17.10 17.78
C TRP A 112 6.70 17.38 19.18
N ARG A 113 6.16 18.37 19.89
CA ARG A 113 6.55 18.54 21.29
C ARG A 113 6.02 17.38 22.13
N LEU A 114 4.74 17.04 21.96
CA LEU A 114 4.15 16.08 22.88
C LEU A 114 4.69 14.67 22.66
N VAL A 115 4.99 14.27 21.43
CA VAL A 115 5.48 12.90 21.21
C VAL A 115 6.93 12.74 21.67
N SER A 116 7.67 13.83 21.82
CA SER A 116 9.05 13.75 22.24
C SER A 116 9.23 13.91 23.76
N THR A 117 8.17 14.24 24.49
CA THR A 117 8.25 14.45 25.94
C THR A 117 7.75 13.21 26.66
N ILE A 118 8.62 12.58 27.45
CA ILE A 118 8.21 11.37 28.18
C ILE A 118 7.16 11.70 29.23
N GLU A 119 7.22 12.90 29.82
CA GLU A 119 6.32 13.23 30.91
C GLU A 119 4.87 13.34 30.43
N GLU A 120 4.67 13.67 29.16
CA GLU A 120 3.32 13.80 28.61
C GLU A 120 2.84 12.42 28.17
N ASP A 121 1.68 12.00 28.67
CA ASP A 121 1.08 10.73 28.29
C ASP A 121 -0.29 11.00 27.67
N VAL A 122 -0.27 11.57 26.48
CA VAL A 122 -1.50 11.86 25.74
C VAL A 122 -1.85 10.64 24.90
N THR A 123 -3.08 10.14 25.06
CA THR A 123 -3.58 9.09 24.19
C THR A 123 -4.80 9.59 23.45
N VAL A 124 -4.94 9.12 22.22
CA VAL A 124 -6.02 9.52 21.34
C VAL A 124 -6.58 8.25 20.71
N GLU A 125 -7.67 8.42 19.97
CA GLU A 125 -8.38 7.31 19.34
C GLU A 125 -8.62 7.65 17.89
N TYR A 126 -8.82 6.62 17.08
CA TYR A 126 -9.16 6.84 15.68
C TYR A 126 -9.80 5.58 15.13
N GLY A 127 -10.42 5.73 13.96
CA GLY A 127 -10.96 4.60 13.21
C GLY A 127 -10.09 4.34 11.99
N ALA A 128 -9.89 3.05 11.69
CA ALA A 128 -9.18 2.62 10.47
C ALA A 128 -9.68 1.23 10.09
N ASP A 129 -10.27 1.07 8.89
CA ASP A 129 -10.95 -0.19 8.54
C ASP A 129 -11.36 -0.23 7.07
N ILE A 130 -11.19 -1.41 6.46
CA ILE A 130 -11.66 -1.60 5.10
C ILE A 130 -13.18 -1.35 5.04
N ALA A 131 -13.63 -0.87 3.88
CA ALA A 131 -15.04 -0.53 3.70
C ALA A 131 -15.90 -1.79 3.69
N SER A 132 -16.84 -1.89 4.63
CA SER A 132 -17.75 -3.02 4.69
C SER A 132 -19.16 -2.57 4.34
N PHE A 135 -19.48 -0.51 6.61
CA PHE A 135 -19.40 0.92 6.90
C PHE A 135 -19.64 1.73 5.64
N GLY A 136 -18.98 1.33 4.56
CA GLY A 136 -19.29 1.89 3.27
C GLY A 136 -18.35 3.01 2.83
N SER A 137 -18.06 3.02 1.54
CA SER A 137 -17.24 4.06 0.96
C SER A 137 -17.90 5.43 1.14
N GLY A 138 -17.07 6.46 1.30
CA GLY A 138 -17.57 7.82 1.20
C GLY A 138 -17.95 8.25 -0.20
N PHE A 139 -17.53 7.49 -1.24
CA PHE A 139 -17.91 7.80 -2.61
C PHE A 139 -19.17 7.05 -2.99
N PRO A 140 -19.91 7.50 -4.01
CA PRO A 140 -21.12 6.77 -4.45
C PRO A 140 -20.75 5.42 -5.05
N VAL A 141 -21.53 4.40 -4.67
CA VAL A 141 -21.41 3.06 -5.25
C VAL A 141 -22.81 2.55 -5.59
N ARG A 142 -22.86 1.59 -6.51
CA ARG A 142 -24.12 0.96 -6.88
C ARG A 142 -24.47 -0.11 -5.83
N ASP A 143 -25.62 0.03 -5.19
CA ASP A 143 -26.05 -0.95 -4.20
C ASP A 143 -27.35 -1.63 -4.63
N ILE A 146 -30.29 1.72 -2.12
CA ILE A 146 -31.01 2.99 -2.17
C ILE A 146 -30.97 3.59 -3.58
N LYS A 147 -31.94 4.45 -3.86
CA LYS A 147 -31.95 5.21 -5.11
C LYS A 147 -30.99 6.39 -4.99
N LEU A 148 -30.12 6.54 -5.99
CA LEU A 148 -29.14 7.61 -5.97
C LEU A 148 -29.68 8.85 -6.67
N SER A 149 -29.27 10.02 -6.15
CA SER A 149 -29.61 11.28 -6.79
C SER A 149 -28.85 11.41 -8.11
N PRO A 150 -29.30 12.31 -9.01
CA PRO A 150 -28.50 12.57 -10.22
C PRO A 150 -27.06 12.97 -9.91
N GLU A 151 -26.84 13.81 -8.88
CA GLU A 151 -25.48 14.24 -8.55
C GLU A 151 -24.60 13.06 -8.16
N GLU A 152 -25.11 12.18 -7.30
CA GLU A 152 -24.37 10.98 -6.93
C GLU A 152 -24.06 10.12 -8.15
N GLU A 153 -25.03 9.97 -9.06
CA GLU A 153 -24.82 9.08 -10.20
C GLU A 153 -23.75 9.62 -11.15
N GLU A 154 -23.54 10.94 -11.17
CA GLU A 154 -22.45 11.52 -11.97
C GLU A 154 -21.10 10.93 -11.56
N TYR A 155 -20.89 10.71 -10.27
CA TYR A 155 -19.59 10.30 -9.75
C TYR A 155 -19.43 8.79 -9.65
N LEU A 156 -20.44 8.01 -10.07
CA LEU A 156 -20.35 6.56 -9.97
C LEU A 156 -19.19 6.02 -10.82
N ASP A 157 -18.97 6.62 -11.97
CA ASP A 157 -17.97 6.11 -12.91
C ASP A 157 -16.74 7.02 -13.00
N SER A 158 -16.58 7.93 -12.03
CA SER A 158 -15.43 8.82 -12.05
C SER A 158 -14.15 8.02 -11.94
N GLY A 159 -13.13 8.45 -12.70
CA GLY A 159 -11.83 7.83 -12.58
C GLY A 159 -11.17 8.07 -11.23
N TRP A 160 -11.66 9.05 -10.47
CA TRP A 160 -11.12 9.38 -9.15
C TRP A 160 -12.07 8.99 -8.02
N ASN A 161 -13.17 8.33 -8.33
CA ASN A 161 -13.90 7.55 -7.33
C ASN A 161 -13.02 6.38 -6.93
N LEU A 162 -12.56 6.35 -5.68
CA LEU A 162 -11.58 5.34 -5.29
C LEU A 162 -12.11 3.92 -5.42
N ASN A 163 -13.43 3.73 -5.48
CA ASN A 163 -13.95 2.38 -5.73
C ASN A 163 -13.62 1.91 -7.15
N ASN A 164 -13.50 2.83 -8.11
CA ASN A 164 -13.29 2.49 -9.51
C ASN A 164 -11.83 2.31 -9.89
N MET A 165 -10.93 3.06 -9.24
CA MET A 165 -9.54 3.08 -9.67
C MET A 165 -8.90 1.70 -9.79
N PRO A 166 -9.10 0.74 -8.86
CA PRO A 166 -8.43 -0.55 -9.00
C PRO A 166 -9.00 -1.44 -10.10
N VAL A 167 -10.15 -1.11 -10.67
CA VAL A 167 -10.76 -1.95 -11.70
C VAL A 167 -10.82 -1.25 -13.04
N MET A 168 -10.22 -0.07 -13.17
CA MET A 168 -10.14 0.49 -14.51
C MET A 168 -9.10 -0.28 -15.34
N GLU A 169 -9.17 -0.08 -16.65
CA GLU A 169 -8.44 -0.95 -17.58
C GLU A 169 -6.93 -0.81 -17.39
N GLN A 170 -6.47 0.41 -17.12
N GLN A 170 -6.44 0.39 -17.13
CA GLN A 170 -5.07 0.76 -16.93
CA GLN A 170 -5.00 0.57 -16.99
C GLN A 170 -4.49 0.29 -15.58
C GLN A 170 -4.46 0.18 -15.61
N SER A 171 -5.32 -0.30 -14.71
CA SER A 171 -4.85 -0.85 -13.44
C SER A 171 -4.45 -2.29 -13.66
N VAL A 172 -3.25 -2.66 -13.20
CA VAL A 172 -2.77 -4.02 -13.48
C VAL A 172 -3.43 -5.05 -12.58
N LEU A 173 -4.24 -4.60 -11.61
CA LEU A 173 -5.03 -5.51 -10.81
C LEU A 173 -6.46 -5.65 -11.32
N ALA A 174 -6.80 -4.97 -12.42
CA ALA A 174 -8.17 -5.00 -12.94
C ALA A 174 -8.69 -6.42 -13.13
N HIS A 175 -7.90 -7.29 -13.76
CA HIS A 175 -8.36 -8.65 -14.04
C HIS A 175 -7.94 -9.66 -12.99
N ILE A 176 -7.41 -9.23 -11.85
CA ILE A 176 -6.89 -10.18 -10.86
C ILE A 176 -7.99 -10.57 -9.88
N THR A 177 -8.11 -11.89 -9.66
CA THR A 177 -9.20 -12.48 -8.89
C THR A 177 -8.70 -13.27 -7.67
N ALA A 178 -7.41 -13.15 -7.34
CA ALA A 178 -6.88 -13.91 -6.22
C ALA A 178 -7.29 -13.25 -4.91
N ASP A 179 -6.93 -13.91 -3.80
CA ASP A 179 -7.18 -13.38 -2.46
C ASP A 179 -6.19 -12.24 -2.22
N ILE A 180 -6.55 -11.07 -2.76
CA ILE A 180 -5.78 -9.84 -2.61
C ILE A 180 -6.78 -8.74 -2.25
N CYS A 181 -7.81 -9.13 -1.51
CA CYS A 181 -8.96 -8.26 -1.23
C CYS A 181 -8.52 -6.91 -0.68
N GLY A 182 -7.54 -6.89 0.22
CA GLY A 182 -7.10 -5.66 0.83
C GLY A 182 -6.59 -4.60 -0.14
N MET A 183 -6.20 -5.00 -1.35
CA MET A 183 -5.55 -4.07 -2.27
C MET A 183 -6.46 -3.56 -3.38
N LYS A 184 -7.71 -4.03 -3.46
CA LYS A 184 -8.63 -3.49 -4.45
C LYS A 184 -9.83 -2.76 -3.85
N LEU A 185 -10.01 -2.80 -2.53
CA LEU A 185 -11.10 -2.12 -1.86
C LEU A 185 -10.58 -0.91 -1.09
N PRO A 186 -11.34 0.18 -1.05
CA PRO A 186 -10.91 1.35 -0.26
C PRO A 186 -11.00 1.10 1.23
N TRP A 187 -10.16 1.82 1.97
CA TRP A 187 -10.18 1.80 3.43
C TRP A 187 -10.55 3.19 3.94
N LEU A 188 -11.19 3.21 5.10
CA LEU A 188 -11.71 4.43 5.69
C LEU A 188 -11.00 4.75 6.99
N TYR A 189 -10.83 6.05 7.27
CA TYR A 189 -10.04 6.53 8.39
C TYR A 189 -10.76 7.71 9.03
N VAL A 190 -11.13 7.55 10.29
CA VAL A 190 -11.80 8.60 11.05
C VAL A 190 -10.77 9.22 12.00
N GLY A 191 -10.43 10.50 11.78
CA GLY A 191 -9.36 11.13 12.51
C GLY A 191 -9.85 12.08 13.60
N MET A 192 -9.01 12.27 14.61
CA MET A 192 -9.18 13.33 15.60
C MET A 192 -7.83 14.03 15.77
N CYS A 193 -7.84 15.16 16.46
CA CYS A 193 -6.59 15.90 16.67
C CYS A 193 -5.51 14.99 17.27
N PHE A 194 -4.34 14.98 16.63
CA PHE A 194 -3.11 14.24 16.98
C PHE A 194 -3.17 12.75 16.67
N SER A 195 -4.30 12.20 16.21
CA SER A 195 -4.28 10.81 15.77
C SER A 195 -3.30 10.69 14.61
N SER A 196 -2.48 9.65 14.64
N SER A 196 -2.49 9.64 14.62
CA SER A 196 -1.26 9.61 13.85
CA SER A 196 -1.25 9.63 13.86
C SER A 196 -1.18 8.34 13.02
C SER A 196 -1.09 8.34 13.07
N PHE A 197 -0.56 8.45 11.85
CA PHE A 197 -0.14 7.29 11.09
C PHE A 197 1.38 7.25 11.05
N CYS A 198 1.92 6.10 11.45
CA CYS A 198 3.36 5.89 11.59
C CYS A 198 4.01 5.73 10.22
N TRP A 199 5.32 5.92 10.20
CA TRP A 199 6.09 5.76 8.97
C TRP A 199 5.86 4.39 8.35
N HIS A 200 5.42 4.37 7.09
CA HIS A 200 5.24 3.11 6.39
C HIS A 200 5.34 3.35 4.90
N ILE A 201 5.52 2.25 4.18
CA ILE A 201 5.33 2.21 2.73
C ILE A 201 4.16 1.25 2.45
N GLU A 202 3.67 1.29 1.22
CA GLU A 202 2.51 0.46 0.90
C GLU A 202 2.91 -0.99 0.61
N ASP A 203 1.94 -1.89 0.79
CA ASP A 203 2.12 -3.29 0.42
C ASP A 203 2.61 -3.43 -1.01
N HIS A 204 3.67 -4.23 -1.20
CA HIS A 204 4.24 -4.49 -2.52
C HIS A 204 4.74 -3.21 -3.20
N TRP A 205 5.08 -2.19 -2.39
CA TRP A 205 5.54 -0.89 -2.90
C TRP A 205 4.55 -0.28 -3.88
N SER A 206 3.25 -0.52 -3.69
CA SER A 206 2.30 0.07 -4.61
C SER A 206 2.20 1.58 -4.37
N TYR A 207 1.57 2.26 -5.33
CA TYR A 207 1.07 3.61 -5.08
C TYR A 207 -0.02 3.58 -4.03
N SER A 208 -0.34 4.76 -3.48
CA SER A 208 -1.60 4.90 -2.78
C SER A 208 -2.24 6.23 -3.17
N ILE A 209 -3.57 6.24 -3.15
CA ILE A 209 -4.37 7.43 -3.43
C ILE A 209 -5.25 7.66 -2.22
N ASN A 210 -5.17 8.87 -1.68
CA ASN A 210 -5.74 9.22 -0.38
C ASN A 210 -6.59 10.46 -0.55
N TYR A 211 -7.87 10.36 -0.23
CA TYR A 211 -8.81 11.46 -0.37
C TYR A 211 -9.31 11.87 1.02
N LEU A 212 -9.47 13.18 1.24
CA LEU A 212 -10.05 13.69 2.48
C LEU A 212 -11.47 14.17 2.16
N HIS A 213 -12.48 13.45 2.64
CA HIS A 213 -13.86 13.76 2.28
C HIS A 213 -14.33 15.05 2.93
N TRP A 214 -14.05 15.24 4.22
CA TRP A 214 -14.49 16.41 4.96
C TRP A 214 -13.73 16.49 6.27
N GLY A 215 -13.77 17.66 6.89
CA GLY A 215 -13.22 17.88 8.22
C GLY A 215 -11.94 18.68 8.19
N GLU A 216 -11.26 18.68 9.34
CA GLU A 216 -10.03 19.45 9.50
C GLU A 216 -8.88 18.75 8.76
N PRO A 217 -7.82 19.49 8.44
CA PRO A 217 -6.79 18.94 7.54
C PRO A 217 -6.06 17.73 8.13
N LYS A 218 -5.42 16.99 7.21
CA LYS A 218 -4.52 15.89 7.54
C LYS A 218 -3.10 16.32 7.14
N THR A 219 -2.17 16.29 8.09
CA THR A 219 -0.80 16.69 7.83
C THR A 219 0.05 15.48 7.44
N TRP A 220 0.81 15.61 6.34
CA TRP A 220 1.60 14.51 5.80
C TRP A 220 3.09 14.86 5.79
N TYR A 221 3.93 13.85 6.02
CA TYR A 221 5.35 13.91 5.69
C TYR A 221 5.66 12.77 4.74
N GLY A 222 6.55 13.02 3.77
CA GLY A 222 6.84 12.04 2.74
C GLY A 222 8.31 12.06 2.35
N VAL A 223 8.80 10.89 1.92
CA VAL A 223 10.21 10.68 1.57
C VAL A 223 10.24 10.00 0.21
N PRO A 224 11.06 10.44 -0.75
CA PRO A 224 11.08 9.78 -2.06
C PRO A 224 11.51 8.32 -1.98
N GLY A 225 11.01 7.53 -2.93
CA GLY A 225 11.38 6.12 -2.99
C GLY A 225 12.87 5.87 -2.98
N TYR A 226 13.66 6.75 -3.63
CA TYR A 226 15.09 6.47 -3.74
C TYR A 226 15.80 6.51 -2.39
N ALA A 227 15.21 7.12 -1.38
CA ALA A 227 15.84 7.26 -0.08
C ALA A 227 15.29 6.28 0.96
N ALA A 228 14.55 5.26 0.52
CA ALA A 228 13.88 4.35 1.46
C ALA A 228 14.87 3.61 2.34
N GLU A 229 15.95 3.09 1.76
CA GLU A 229 16.88 2.31 2.59
C GLU A 229 17.68 3.22 3.51
N GLN A 230 17.94 4.45 3.08
N GLN A 230 17.94 4.47 3.12
CA GLN A 230 18.55 5.45 3.95
CA GLN A 230 18.60 5.36 4.06
C GLN A 230 17.70 5.68 5.18
C GLN A 230 17.69 5.69 5.24
N LEU A 231 16.39 5.86 4.99
CA LEU A 231 15.47 6.07 6.10
C LEU A 231 15.44 4.87 7.02
N GLU A 232 15.42 3.67 6.45
CA GLU A 232 15.40 2.45 7.26
C GLU A 232 16.67 2.33 8.11
N ASN A 233 17.83 2.69 7.53
CA ASN A 233 19.07 2.66 8.31
C ASN A 233 19.01 3.60 9.51
N VAL A 234 18.42 4.79 9.33
CA VAL A 234 18.30 5.73 10.44
C VAL A 234 17.38 5.16 11.52
N MET A 235 16.26 4.57 11.11
CA MET A 235 15.31 4.03 12.09
C MET A 235 15.87 2.80 12.80
N LYS A 236 16.57 1.92 12.07
CA LYS A 236 17.20 0.77 12.70
C LYS A 236 18.18 1.19 13.78
N LYS A 237 18.98 2.22 13.51
CA LYS A 237 19.94 2.71 14.50
C LYS A 237 19.24 3.22 15.75
N LEU A 238 18.11 3.90 15.59
CA LEU A 238 17.43 4.55 16.71
C LEU A 238 16.38 3.67 17.39
N ALA A 239 15.75 2.75 16.67
CA ALA A 239 14.70 1.89 17.24
C ALA A 239 14.85 0.48 16.67
N PRO A 240 15.90 -0.25 17.07
CA PRO A 240 16.11 -1.60 16.52
C PRO A 240 14.99 -2.56 16.88
N GLU A 241 14.22 -2.26 17.93
CA GLU A 241 13.08 -3.09 18.34
C GLU A 241 12.05 -3.26 17.23
N LEU A 242 12.11 -2.47 16.15
CA LEU A 242 11.13 -2.55 15.07
C LEU A 242 11.57 -3.42 13.90
N PHE A 243 12.81 -3.90 13.91
CA PHE A 243 13.34 -4.68 12.79
C PHE A 243 13.56 -6.15 13.14
N VAL A 244 13.06 -6.59 14.31
CA VAL A 244 13.09 -8.01 14.64
C VAL A 244 12.10 -8.77 13.77
N SER A 245 12.42 -10.02 13.45
CA SER A 245 11.56 -10.84 12.60
C SER A 245 10.17 -10.97 13.22
N GLN A 246 9.16 -11.01 12.36
CA GLN A 246 7.78 -11.06 12.84
C GLN A 246 7.03 -12.23 12.23
N PRO A 247 6.05 -12.78 12.97
CA PRO A 247 5.47 -14.07 12.58
C PRO A 247 4.54 -14.00 11.37
N ASP A 248 3.95 -12.85 11.04
CA ASP A 248 3.04 -12.78 9.90
C ASP A 248 2.87 -11.32 9.48
N LEU A 249 1.97 -11.11 8.51
CA LEU A 249 1.76 -9.78 7.95
C LEU A 249 0.98 -8.88 8.91
N LEU A 250 0.12 -9.45 9.75
CA LEU A 250 -0.66 -8.67 10.70
C LEU A 250 0.12 -8.38 11.99
N HIS A 251 1.44 -8.44 11.96
CA HIS A 251 2.26 -8.22 13.15
C HIS A 251 3.36 -7.20 12.94
N GLN A 252 3.38 -6.48 11.82
CA GLN A 252 4.47 -5.55 11.54
C GLN A 252 4.46 -4.40 12.53
N LEU A 253 5.65 -3.95 12.92
CA LEU A 253 5.83 -2.88 13.87
C LEU A 253 6.22 -1.60 13.14
N VAL A 254 5.66 -0.47 13.56
CA VAL A 254 5.89 0.84 12.95
C VAL A 254 5.96 1.87 14.07
N THR A 255 6.41 3.08 13.75
CA THR A 255 6.60 4.08 14.80
C THR A 255 6.48 5.51 14.28
N ILE A 256 6.25 6.42 15.22
CA ILE A 256 6.34 7.86 15.02
C ILE A 256 7.80 8.29 15.11
N MET A 257 8.24 9.13 14.18
CA MET A 257 9.60 9.65 14.27
C MET A 257 9.69 11.02 13.63
N ASN A 258 10.29 11.96 14.36
CA ASN A 258 10.37 13.35 13.97
C ASN A 258 11.05 13.48 12.61
N PRO A 259 10.41 14.08 11.61
CA PRO A 259 11.11 14.26 10.32
C PRO A 259 12.41 15.05 10.42
N ASN A 260 12.57 15.95 11.41
CA ASN A 260 13.84 16.67 11.54
C ASN A 260 15.00 15.73 11.81
N THR A 261 14.74 14.64 12.54
CA THR A 261 15.76 13.61 12.75
C THR A 261 16.21 12.98 11.44
N LEU A 262 15.27 12.66 10.56
CA LEU A 262 15.64 12.14 9.25
C LEU A 262 16.42 13.17 8.44
N MET A 263 15.92 14.42 8.43
CA MET A 263 16.62 15.48 7.69
C MET A 263 18.04 15.69 8.22
N THR A 264 18.25 15.56 9.53
CA THR A 264 19.59 15.65 10.09
C THR A 264 20.52 14.58 9.52
N HIS A 265 19.99 13.42 9.18
CA HIS A 265 20.78 12.33 8.60
C HIS A 265 20.68 12.31 7.08
N GLU A 266 20.41 13.45 6.45
CA GLU A 266 20.44 13.60 5.01
C GLU A 266 19.36 12.80 4.29
N VAL A 267 18.24 12.52 4.94
CA VAL A 267 17.07 11.94 4.29
C VAL A 267 16.16 13.09 3.85
N PRO A 268 15.87 13.26 2.56
CA PRO A 268 14.94 14.32 2.15
C PRO A 268 13.52 14.02 2.60
N VAL A 269 12.88 15.02 3.21
CA VAL A 269 11.50 14.92 3.69
C VAL A 269 10.70 16.12 3.18
N TYR A 270 9.46 15.87 2.76
CA TYR A 270 8.55 16.92 2.33
C TYR A 270 7.26 16.83 3.12
N ARG A 271 6.52 17.93 3.21
CA ARG A 271 5.29 17.99 4.00
C ARG A 271 4.16 18.57 3.17
N THR A 272 2.93 18.32 3.64
CA THR A 272 1.78 19.06 3.14
C THR A 272 0.65 18.96 4.15
N ASN A 273 -0.21 19.97 4.15
CA ASN A 273 -1.52 19.91 4.80
C ASN A 273 -2.55 19.56 3.72
N GLN A 274 -3.19 18.41 3.86
CA GLN A 274 -4.26 17.99 2.97
C GLN A 274 -5.58 18.49 3.52
N CYS A 275 -6.27 19.34 2.77
CA CYS A 275 -7.56 19.85 3.20
C CYS A 275 -8.68 19.05 2.56
N ALA A 276 -9.90 19.24 3.08
CA ALA A 276 -11.07 18.52 2.56
C ALA A 276 -11.21 18.77 1.06
N GLY A 277 -11.50 17.70 0.32
CA GLY A 277 -11.61 17.81 -1.12
C GLY A 277 -10.31 17.66 -1.90
N GLU A 278 -9.18 17.39 -1.23
CA GLU A 278 -7.92 17.22 -1.94
C GLU A 278 -7.43 15.79 -1.85
N PHE A 279 -6.63 15.39 -2.84
CA PHE A 279 -5.97 14.08 -2.90
C PHE A 279 -4.52 14.20 -2.50
N VAL A 280 -4.01 13.19 -1.82
CA VAL A 280 -2.57 12.96 -1.70
C VAL A 280 -2.25 11.64 -2.39
N ILE A 281 -1.20 11.63 -3.19
CA ILE A 281 -0.71 10.43 -3.85
C ILE A 281 0.66 10.11 -3.27
N THR A 282 0.87 8.85 -2.86
CA THR A 282 2.20 8.39 -2.47
C THR A 282 2.74 7.45 -3.54
N PHE A 283 4.03 7.58 -3.84
CA PHE A 283 4.66 6.83 -4.94
C PHE A 283 5.30 5.56 -4.41
N PRO A 284 5.67 4.64 -5.33
CA PRO A 284 6.21 3.35 -4.89
C PRO A 284 7.40 3.47 -3.97
N ARG A 285 7.32 2.79 -2.83
CA ARG A 285 8.38 2.76 -1.81
C ARG A 285 8.65 4.13 -1.21
N ALA A 286 7.70 5.06 -1.30
CA ALA A 286 7.85 6.37 -0.68
C ALA A 286 7.34 6.30 0.75
N TYR A 287 8.24 6.40 1.73
CA TYR A 287 7.80 6.39 3.13
C TYR A 287 6.96 7.62 3.45
N HIS A 288 5.94 7.44 4.29
CA HIS A 288 5.17 8.61 4.71
C HIS A 288 4.61 8.37 6.11
N SER A 289 4.33 9.48 6.79
CA SER A 289 3.70 9.49 8.11
C SER A 289 2.95 10.81 8.26
N GLY A 290 2.22 10.95 9.36
CA GLY A 290 1.53 12.21 9.59
C GLY A 290 0.56 12.10 10.75
N PHE A 291 -0.33 13.08 10.83
CA PHE A 291 -1.30 13.17 11.92
C PHE A 291 -2.44 14.06 11.46
N ASN A 292 -3.55 13.94 12.18
CA ASN A 292 -4.74 14.70 11.86
C ASN A 292 -4.83 15.94 12.73
N GLN A 293 -5.24 17.05 12.12
CA GLN A 293 -5.42 18.33 12.81
C GLN A 293 -6.70 18.39 13.62
N GLY A 294 -7.66 17.51 13.36
CA GLY A 294 -8.92 17.54 14.06
C GLY A 294 -9.81 16.44 13.52
N PHE A 295 -11.10 16.50 13.88
CA PHE A 295 -12.10 15.53 13.43
C PHE A 295 -12.18 15.52 11.92
N ASN A 296 -11.98 14.35 11.29
CA ASN A 296 -12.06 14.31 9.82
C ASN A 296 -12.31 12.88 9.35
N PHE A 297 -12.48 12.74 8.03
CA PHE A 297 -12.91 11.48 7.41
C PHE A 297 -12.20 11.33 6.08
N ALA A 298 -11.41 10.26 5.95
CA ALA A 298 -10.56 10.05 4.78
C ALA A 298 -10.78 8.65 4.23
N GLU A 299 -10.43 8.49 2.95
CA GLU A 299 -10.55 7.21 2.25
C GLU A 299 -9.31 7.02 1.40
N ALA A 300 -8.79 5.78 1.36
CA ALA A 300 -7.56 5.50 0.64
C ALA A 300 -7.65 4.14 -0.06
N VAL A 301 -6.86 3.97 -1.13
CA VAL A 301 -6.82 2.70 -1.84
C VAL A 301 -5.43 2.52 -2.45
N ASN A 302 -4.95 1.27 -2.45
CA ASN A 302 -3.74 0.91 -3.18
C ASN A 302 -3.97 1.08 -4.68
N PHE A 303 -2.88 1.21 -5.41
CA PHE A 303 -2.96 1.62 -6.80
C PHE A 303 -1.75 1.07 -7.54
N CYS A 304 -1.98 0.30 -8.60
CA CYS A 304 -0.91 -0.40 -9.31
C CYS A 304 -1.00 -0.10 -10.80
N THR A 305 -0.02 0.61 -11.32
CA THR A 305 0.06 1.02 -12.72
C THR A 305 1.17 0.25 -13.43
N VAL A 306 1.28 0.49 -14.75
CA VAL A 306 2.36 -0.13 -15.52
C VAL A 306 3.71 0.39 -15.05
N ASP A 307 3.76 1.63 -14.55
CA ASP A 307 5.00 2.15 -13.99
C ASP A 307 5.42 1.36 -12.76
N TRP A 308 4.44 0.93 -11.97
CA TRP A 308 4.74 0.19 -10.74
C TRP A 308 5.25 -1.21 -11.03
N LEU A 309 4.78 -1.82 -12.13
CA LEU A 309 4.97 -3.26 -12.36
C LEU A 309 6.39 -3.75 -12.14
N PRO A 310 7.44 -3.19 -12.77
CA PRO A 310 8.79 -3.68 -12.48
C PRO A 310 9.22 -3.47 -11.04
N LEU A 311 8.75 -2.40 -10.39
CA LEU A 311 9.07 -2.22 -8.97
C LEU A 311 8.40 -3.27 -8.10
N GLY A 312 7.21 -3.74 -8.49
CA GLY A 312 6.60 -4.84 -7.75
C GLY A 312 7.45 -6.09 -7.74
N ARG A 313 8.13 -6.38 -8.87
CA ARG A 313 9.03 -7.53 -8.90
C ARG A 313 10.22 -7.31 -7.97
N GLN A 314 10.83 -6.11 -8.01
CA GLN A 314 11.90 -5.81 -7.06
C GLN A 314 11.41 -5.96 -5.62
N CYS A 315 10.18 -5.56 -5.35
CA CYS A 315 9.68 -5.60 -3.97
C CYS A 315 9.65 -7.04 -3.44
N VAL A 316 9.14 -7.96 -4.25
CA VAL A 316 9.03 -9.33 -3.79
C VAL A 316 10.43 -9.95 -3.63
N GLU A 317 11.36 -9.56 -4.49
CA GLU A 317 12.77 -9.92 -4.29
C GLU A 317 13.27 -9.41 -2.94
N HIS A 318 13.02 -8.13 -2.64
CA HIS A 318 13.46 -7.55 -1.38
C HIS A 318 12.76 -8.19 -0.19
N TYR A 319 11.47 -8.54 -0.34
CA TYR A 319 10.78 -9.28 0.71
C TYR A 319 11.48 -10.63 0.97
N ARG A 320 11.97 -11.27 -0.09
CA ARG A 320 12.63 -12.57 0.08
C ARG A 320 13.90 -12.43 0.90
N LEU A 321 14.74 -11.44 0.56
CA LEU A 321 15.94 -11.18 1.34
C LEU A 321 15.62 -10.92 2.81
N LEU A 322 14.47 -10.33 3.10
CA LEU A 322 14.10 -9.99 4.48
C LEU A 322 13.28 -11.05 5.16
N HIS A 323 12.82 -12.08 4.45
CA HIS A 323 11.90 -13.08 5.00
C HIS A 323 10.56 -12.46 5.39
N ARG A 324 10.10 -11.44 4.65
CA ARG A 324 8.81 -10.81 4.92
C ARG A 324 7.70 -11.47 4.11
N TYR A 325 6.53 -11.64 4.74
CA TYR A 325 5.40 -12.25 4.05
C TYR A 325 4.88 -11.37 2.92
N CYS A 326 4.36 -12.00 1.87
CA CYS A 326 3.73 -11.32 0.74
C CYS A 326 2.23 -11.21 0.94
N VAL A 327 1.64 -10.19 0.33
CA VAL A 327 0.18 -10.12 0.27
C VAL A 327 -0.35 -11.01 -0.84
N PHE A 328 0.38 -11.06 -1.96
CA PHE A 328 0.00 -11.89 -3.08
C PHE A 328 1.26 -12.30 -3.84
N SER A 329 1.09 -13.26 -4.75
CA SER A 329 2.17 -13.72 -5.61
C SER A 329 2.24 -12.80 -6.84
N HIS A 330 3.35 -12.08 -6.98
CA HIS A 330 3.56 -11.25 -8.16
C HIS A 330 3.55 -12.09 -9.45
N ASP A 331 4.21 -13.25 -9.43
CA ASP A 331 4.23 -14.10 -10.64
C ASP A 331 2.83 -14.60 -10.97
N GLU A 332 2.02 -14.91 -9.95
CA GLU A 332 0.67 -15.37 -10.23
C GLU A 332 -0.15 -14.27 -10.91
N MET A 333 0.05 -13.02 -10.48
CA MET A 333 -0.62 -11.89 -11.11
C MET A 333 -0.20 -11.77 -12.58
N ILE A 334 1.10 -11.86 -12.85
CA ILE A 334 1.64 -11.78 -14.22
C ILE A 334 1.02 -12.87 -15.08
N CYS A 335 1.01 -14.12 -14.59
CA CYS A 335 0.47 -15.22 -15.38
C CYS A 335 -1.03 -15.08 -15.57
N LYS A 336 -1.74 -14.59 -14.55
CA LYS A 336 -3.16 -14.32 -14.72
C LYS A 336 -3.40 -13.33 -15.86
N MET A 337 -2.63 -12.25 -15.90
CA MET A 337 -2.83 -11.28 -16.98
C MET A 337 -2.46 -11.88 -18.33
N ALA A 338 -1.41 -12.70 -18.37
CA ALA A 338 -1.04 -13.36 -19.63
C ALA A 338 -2.17 -14.24 -20.13
N SER A 339 -2.88 -14.89 -19.20
CA SER A 339 -4.01 -15.73 -19.56
C SER A 339 -5.21 -14.92 -20.02
N LYS A 340 -5.18 -13.60 -19.84
CA LYS A 340 -6.25 -12.71 -20.30
C LYS A 340 -5.72 -11.73 -21.35
N ALA A 341 -4.65 -12.13 -22.06
CA ALA A 341 -3.96 -11.25 -22.99
C ALA A 341 -4.93 -10.57 -23.95
N ASP A 342 -5.93 -11.32 -24.43
CA ASP A 342 -6.82 -10.82 -25.48
C ASP A 342 -7.69 -9.65 -25.03
N VAL A 343 -7.93 -9.48 -23.73
CA VAL A 343 -8.77 -8.40 -23.23
C VAL A 343 -7.99 -7.34 -22.47
N LEU A 344 -6.67 -7.45 -22.40
CA LEU A 344 -5.86 -6.44 -21.73
C LEU A 344 -5.78 -5.16 -22.54
N ASP A 345 -5.69 -4.05 -21.81
CA ASP A 345 -5.21 -2.81 -22.40
C ASP A 345 -3.85 -3.04 -23.06
N VAL A 346 -3.63 -2.43 -24.23
CA VAL A 346 -2.44 -2.81 -25.00
C VAL A 346 -1.16 -2.30 -24.35
N VAL A 347 -1.21 -1.18 -23.63
CA VAL A 347 -0.02 -0.71 -22.92
C VAL A 347 0.27 -1.61 -21.73
N VAL A 348 -0.76 -2.05 -21.03
CA VAL A 348 -0.59 -3.05 -19.99
C VAL A 348 0.05 -4.31 -20.57
N ALA A 349 -0.46 -4.78 -21.73
CA ALA A 349 0.07 -6.00 -22.33
C ALA A 349 1.55 -5.87 -22.62
N SER A 350 1.98 -4.71 -23.13
CA SER A 350 3.39 -4.48 -23.44
C SER A 350 4.26 -4.53 -22.18
N THR A 351 3.79 -3.89 -21.10
CA THR A 351 4.55 -3.88 -19.85
C THR A 351 4.60 -5.27 -19.22
N VAL A 352 3.47 -5.99 -19.23
CA VAL A 352 3.45 -7.33 -18.65
C VAL A 352 4.38 -8.26 -19.43
N GLN A 353 4.38 -8.11 -20.75
CA GLN A 353 5.24 -8.95 -21.57
C GLN A 353 6.70 -8.80 -21.16
N LYS A 354 7.14 -7.57 -20.88
CA LYS A 354 8.52 -7.34 -20.51
C LYS A 354 8.84 -7.95 -19.16
N ASP A 355 7.93 -7.84 -18.19
CA ASP A 355 8.16 -8.46 -16.90
C ASP A 355 8.17 -9.98 -17.02
N MET A 356 7.30 -10.53 -17.87
CA MET A 356 7.25 -11.97 -18.04
C MET A 356 8.54 -12.51 -18.65
N ALA A 357 9.20 -11.74 -19.51
CA ALA A 357 10.48 -12.18 -20.06
C ALA A 357 11.53 -12.30 -18.96
N ILE A 358 11.55 -11.34 -18.02
CA ILE A 358 12.46 -11.45 -16.88
C ILE A 358 12.10 -12.67 -16.04
N MET A 359 10.80 -12.87 -15.78
CA MET A 359 10.34 -14.01 -15.00
C MET A 359 10.79 -15.33 -15.63
N ILE A 360 10.61 -15.47 -16.94
CA ILE A 360 10.92 -16.74 -17.58
C ILE A 360 12.42 -17.02 -17.53
N GLU A 361 13.24 -16.01 -17.82
CA GLU A 361 14.69 -16.18 -17.76
C GLU A 361 15.13 -16.53 -16.34
N ASP A 362 14.61 -15.82 -15.33
CA ASP A 362 14.96 -16.17 -13.95
C ASP A 362 14.52 -17.60 -13.61
N GLU A 363 13.32 -17.99 -14.05
CA GLU A 363 12.82 -19.32 -13.70
C GLU A 363 13.62 -20.41 -14.40
N LYS A 364 13.98 -20.19 -15.66
CA LYS A 364 14.86 -21.12 -16.37
C LYS A 364 16.16 -21.35 -15.60
N ALA A 365 16.81 -20.27 -15.16
CA ALA A 365 18.07 -20.41 -14.44
C ALA A 365 17.88 -21.10 -13.10
N LEU A 366 16.80 -20.78 -12.38
CA LEU A 366 16.57 -21.44 -11.09
C LEU A 366 16.33 -22.94 -11.25
N ARG A 367 15.59 -23.33 -12.30
CA ARG A 367 15.31 -24.76 -12.48
C ARG A 367 16.56 -25.52 -12.88
N GLU A 368 17.45 -24.89 -13.66
CA GLU A 368 18.72 -25.51 -13.98
C GLU A 368 19.57 -25.70 -12.72
N THR A 369 19.59 -24.68 -11.86
CA THR A 369 20.33 -24.77 -10.60
C THR A 369 19.82 -25.91 -9.72
N VAL A 370 18.50 -26.03 -9.52
CA VAL A 370 18.01 -27.09 -8.63
C VAL A 370 18.20 -28.46 -9.27
N ARG A 371 18.12 -28.57 -10.61
CA ARG A 371 18.42 -29.85 -11.24
C ARG A 371 19.86 -30.29 -10.94
N LYS A 372 20.80 -29.34 -10.97
CA LYS A 372 22.18 -29.67 -10.65
C LYS A 372 22.36 -29.99 -9.17
N LEU A 373 21.40 -29.66 -8.33
CA LEU A 373 21.45 -30.07 -6.93
C LEU A 373 20.93 -31.48 -6.73
N GLY A 374 20.42 -32.12 -7.78
CA GLY A 374 19.99 -33.50 -7.69
C GLY A 374 18.49 -33.69 -7.55
N VAL A 375 17.70 -32.64 -7.73
CA VAL A 375 16.25 -32.77 -7.78
C VAL A 375 15.89 -33.20 -9.20
N ILE A 376 15.37 -34.42 -9.34
CA ILE A 376 15.11 -35.02 -10.64
C ILE A 376 13.62 -35.16 -10.90
N ASP A 377 12.89 -35.69 -9.94
CA ASP A 377 11.46 -35.88 -10.13
C ASP A 377 10.74 -34.54 -10.11
N SER A 378 9.60 -34.48 -10.79
CA SER A 378 8.82 -33.25 -10.87
C SER A 378 7.37 -33.62 -11.15
N GLU A 379 6.46 -32.70 -10.80
CA GLU A 379 5.05 -32.85 -11.11
C GLU A 379 4.41 -31.48 -11.18
N ARG A 380 3.50 -31.29 -12.13
CA ARG A 380 2.75 -30.05 -12.20
C ARG A 380 1.94 -29.86 -10.93
N MET A 381 1.83 -28.61 -10.47
CA MET A 381 1.02 -28.32 -9.30
C MET A 381 0.33 -26.98 -9.47
N ASP A 382 -1.00 -26.94 -9.24
CA ASP A 382 -1.79 -25.71 -9.34
C ASP A 382 -1.71 -24.94 -8.03
N PHE A 383 -0.61 -24.18 -7.89
CA PHE A 383 -0.35 -23.43 -6.67
C PHE A 383 -1.49 -22.48 -6.32
N GLU A 384 -2.20 -21.96 -7.33
CA GLU A 384 -3.21 -20.95 -7.04
C GLU A 384 -4.38 -21.53 -6.24
N LEU A 385 -4.55 -22.86 -6.23
CA LEU A 385 -5.60 -23.46 -5.43
C LEU A 385 -5.24 -23.55 -3.95
N LEU A 386 -3.97 -23.40 -3.59
CA LEU A 386 -3.63 -23.54 -2.19
C LEU A 386 -3.87 -22.22 -1.46
N PRO A 387 -4.41 -22.27 -0.24
CA PRO A 387 -4.39 -21.09 0.62
C PRO A 387 -2.97 -20.57 0.76
N ASP A 388 -2.85 -19.23 0.91
CA ASP A 388 -1.52 -18.62 0.89
C ASP A 388 -0.60 -19.22 1.96
N ASP A 389 -1.12 -19.49 3.15
CA ASP A 389 -0.27 -19.99 4.21
C ASP A 389 0.14 -21.45 4.01
N GLU A 390 -0.39 -22.11 2.99
CA GLU A 390 0.04 -23.45 2.64
C GLU A 390 1.08 -23.47 1.51
N ARG A 391 1.50 -22.32 1.02
CA ARG A 391 2.47 -22.32 -0.08
C ARG A 391 3.52 -21.23 0.15
N GLN A 392 3.87 -20.99 1.40
CA GLN A 392 4.98 -20.10 1.71
C GLN A 392 6.27 -20.89 1.88
N CYS A 393 7.36 -20.35 1.34
CA CYS A 393 8.67 -20.95 1.55
C CYS A 393 9.01 -21.02 3.03
N VAL A 394 9.40 -22.21 3.49
CA VAL A 394 9.75 -22.43 4.90
C VAL A 394 10.80 -21.44 5.36
N LYS A 395 11.78 -21.14 4.52
CA LYS A 395 12.87 -20.26 4.93
C LYS A 395 12.52 -18.78 4.77
N CYS A 396 12.16 -18.35 3.56
CA CYS A 396 12.03 -16.92 3.29
C CYS A 396 10.60 -16.41 3.28
N LYS A 397 9.61 -17.29 3.44
CA LYS A 397 8.19 -16.97 3.54
C LYS A 397 7.57 -16.45 2.23
N THR A 398 8.30 -16.48 1.11
CA THR A 398 7.71 -16.03 -0.15
C THR A 398 6.51 -16.92 -0.51
N THR A 399 5.50 -16.30 -1.12
CA THR A 399 4.35 -17.06 -1.62
C THR A 399 4.77 -17.71 -2.94
N CYS A 400 4.78 -19.05 -2.97
CA CYS A 400 5.21 -19.75 -4.16
C CYS A 400 4.11 -19.76 -5.23
N PHE A 401 4.52 -19.75 -6.50
CA PHE A 401 3.56 -19.95 -7.57
C PHE A 401 4.21 -20.60 -8.77
N MET A 402 5.34 -20.06 -9.23
CA MET A 402 5.96 -20.63 -10.43
C MET A 402 6.48 -22.03 -10.15
N SER A 403 7.12 -22.23 -9.00
CA SER A 403 7.65 -23.54 -8.64
C SER A 403 8.03 -23.56 -7.17
N ALA A 404 8.23 -24.77 -6.66
CA ALA A 404 8.66 -24.99 -5.29
C ALA A 404 9.20 -26.41 -5.19
N ILE A 405 9.92 -26.69 -4.11
CA ILE A 405 10.44 -28.02 -3.84
C ILE A 405 9.67 -28.60 -2.66
N SER A 406 9.24 -29.85 -2.79
CA SER A 406 8.59 -30.59 -1.72
C SER A 406 9.38 -31.86 -1.43
N CYS A 407 9.07 -32.50 -0.31
CA CYS A 407 9.69 -33.77 0.03
C CYS A 407 8.71 -34.60 0.85
N SER A 408 8.56 -35.88 0.50
CA SER A 408 7.68 -36.75 1.25
C SER A 408 8.13 -36.93 2.69
N CYS A 409 9.42 -36.70 3.00
CA CYS A 409 9.91 -36.75 4.37
C CYS A 409 9.21 -35.73 5.26
N LYS A 410 8.86 -34.56 4.72
CA LYS A 410 8.21 -33.48 5.47
C LYS A 410 6.95 -33.07 4.72
N PRO A 411 5.86 -33.82 4.88
CA PRO A 411 4.66 -33.58 4.07
C PRO A 411 4.09 -32.18 4.25
N GLY A 412 3.65 -31.59 3.14
CA GLY A 412 3.05 -30.27 3.15
C GLY A 412 4.02 -29.11 3.18
N LEU A 413 5.29 -29.33 3.51
CA LEU A 413 6.27 -28.25 3.51
C LEU A 413 6.77 -27.92 2.12
N LEU A 414 7.05 -26.65 1.88
CA LEU A 414 7.58 -26.19 0.61
C LEU A 414 8.73 -25.22 0.86
N VAL A 415 9.69 -25.22 -0.07
CA VAL A 415 10.67 -24.15 -0.18
C VAL A 415 10.66 -23.61 -1.60
N CYS A 416 10.94 -22.31 -1.74
CA CYS A 416 11.17 -21.78 -3.06
C CYS A 416 12.52 -22.29 -3.60
N LEU A 417 12.76 -22.02 -4.88
CA LEU A 417 13.94 -22.62 -5.52
C LEU A 417 15.25 -22.00 -5.04
N HIS A 418 15.20 -20.88 -4.32
CA HIS A 418 16.41 -20.33 -3.69
C HIS A 418 16.81 -21.08 -2.43
N HIS A 419 15.93 -21.90 -1.86
CA HIS A 419 16.16 -22.45 -0.53
C HIS A 419 15.99 -23.97 -0.51
N VAL A 420 16.45 -24.65 -1.56
CA VAL A 420 16.41 -26.11 -1.63
C VAL A 420 17.08 -26.74 -0.41
N LYS A 421 18.21 -26.18 0.03
CA LYS A 421 18.95 -26.76 1.15
C LYS A 421 18.26 -26.61 2.50
N GLU A 422 17.13 -25.89 2.58
CA GLU A 422 16.47 -25.59 3.85
C GLU A 422 15.25 -26.45 4.13
N LEU A 423 14.90 -27.39 3.25
CA LEU A 423 13.63 -28.10 3.38
C LEU A 423 13.69 -29.19 4.45
N CYS A 424 14.67 -30.09 4.37
CA CYS A 424 14.79 -31.18 5.33
C CYS A 424 16.14 -31.86 5.14
N SER A 425 16.38 -32.92 5.92
CA SER A 425 17.68 -33.57 5.91
C SER A 425 17.75 -34.78 4.98
N CYS A 426 16.71 -35.03 4.17
CA CYS A 426 16.73 -36.15 3.25
C CYS A 426 17.58 -35.84 2.02
N PRO A 427 18.14 -36.85 1.36
CA PRO A 427 18.94 -36.61 0.15
C PRO A 427 18.10 -36.03 -0.96
N PRO A 428 18.72 -35.35 -1.94
CA PRO A 428 17.92 -34.58 -2.91
C PRO A 428 17.12 -35.44 -3.87
N TYR A 429 17.50 -36.71 -4.09
CA TYR A 429 16.71 -37.53 -4.98
C TYR A 429 15.33 -37.85 -4.40
N LYS A 430 15.07 -37.54 -3.15
CA LYS A 430 13.75 -37.69 -2.57
C LYS A 430 12.89 -36.45 -2.72
N TYR A 431 13.43 -35.41 -3.33
CA TYR A 431 12.70 -34.15 -3.50
C TYR A 431 11.92 -34.20 -4.80
N LYS A 432 10.95 -33.31 -4.92
CA LYS A 432 10.17 -33.17 -6.13
C LYS A 432 10.07 -31.70 -6.50
N LEU A 433 10.34 -31.37 -7.76
CA LEU A 433 10.05 -30.04 -8.26
C LEU A 433 8.57 -29.95 -8.58
N ARG A 434 7.85 -29.10 -7.86
CA ARG A 434 6.46 -28.79 -8.17
C ARG A 434 6.44 -27.51 -8.99
N TYR A 435 5.79 -27.54 -10.15
CA TYR A 435 5.83 -26.40 -11.05
C TYR A 435 4.43 -26.12 -11.60
N ARG A 436 4.15 -24.84 -11.82
CA ARG A 436 2.85 -24.48 -12.37
C ARG A 436 2.82 -24.69 -13.88
N TYR A 437 3.89 -24.29 -14.58
CA TYR A 437 3.99 -24.33 -16.04
C TYR A 437 5.35 -24.88 -16.46
N THR A 438 5.37 -25.64 -17.56
CA THR A 438 6.65 -25.89 -18.21
C THR A 438 7.11 -24.62 -18.92
N LEU A 439 8.40 -24.54 -19.20
CA LEU A 439 8.89 -23.43 -20.02
C LEU A 439 8.21 -23.40 -21.38
N ASP A 440 7.89 -24.57 -21.93
CA ASP A 440 7.14 -24.62 -23.17
C ASP A 440 5.73 -24.07 -23.02
N ASP A 441 5.15 -24.11 -21.81
CA ASP A 441 3.87 -23.43 -21.61
C ASP A 441 4.05 -21.92 -21.58
N LEU A 442 5.17 -21.44 -21.04
CA LEU A 442 5.29 -20.01 -20.74
C LEU A 442 5.51 -19.18 -22.00
N TYR A 443 6.33 -19.66 -22.93
CA TYR A 443 6.62 -18.85 -24.12
C TYR A 443 5.38 -18.49 -24.95
N PRO A 444 4.44 -19.40 -25.23
CA PRO A 444 3.22 -18.95 -25.92
C PRO A 444 2.41 -17.95 -25.12
N MET A 445 2.46 -18.02 -23.78
CA MET A 445 1.75 -17.02 -22.97
C MET A 445 2.37 -15.64 -23.17
N MET A 446 3.70 -15.57 -23.18
CA MET A 446 4.34 -14.28 -23.42
C MET A 446 4.06 -13.80 -24.84
N ASN A 447 4.00 -14.71 -25.81
CA ASN A 447 3.74 -14.30 -27.19
C ASN A 447 2.33 -13.76 -27.36
N ALA A 448 1.35 -14.31 -26.64
CA ALA A 448 0.01 -13.74 -26.66
C ALA A 448 0.04 -12.27 -26.25
N LEU A 449 0.79 -11.97 -25.19
CA LEU A 449 0.92 -10.57 -24.75
C LEU A 449 1.57 -9.72 -25.84
N LYS A 450 2.62 -10.25 -26.48
CA LYS A 450 3.29 -9.50 -27.54
C LYS A 450 2.33 -9.22 -28.70
N LEU A 451 1.59 -10.24 -29.14
CA LEU A 451 0.56 -10.03 -30.16
C LEU A 451 -0.43 -8.96 -29.73
N ARG A 452 -0.93 -9.03 -28.49
CA ARG A 452 -1.86 -8.00 -28.02
C ARG A 452 -1.20 -6.63 -28.03
N ALA A 453 0.08 -6.55 -27.63
CA ALA A 453 0.74 -5.26 -27.54
C ALA A 453 1.00 -4.66 -28.93
N GLU A 454 1.43 -5.49 -29.89
CA GLU A 454 1.86 -4.97 -31.17
C GLU A 454 0.70 -4.55 -32.08
N SER A 455 -0.54 -4.80 -31.67
CA SER A 455 -1.70 -4.30 -32.41
C SER A 455 -2.26 -3.04 -31.76
#